data_3T5H
#
_entry.id   3T5H
#
_cell.length_a   94.815
_cell.length_b   102.861
_cell.length_c   53.148
_cell.angle_alpha   90.00
_cell.angle_beta   90.00
_cell.angle_gamma   90.00
#
_symmetry.space_group_name_H-M   'P 21 21 2'
#
loop_
_entity.id
_entity.type
_entity.pdbx_description
1 polymer 'DNA polymerase IV'
2 polymer "DNA (5'-D(*CP*AP*CP*(HN1)P*GP*AP*AP*TP*CP*CP*TP*TP*CP*CP*CP*CP*C)-3')"
3 polymer "DNA (5'-D(*GP*GP*GP*GP*GP*AP*AP*GP*GP*AP*TP*TP*C)-3')"
4 non-polymer "2'-DEOXYGUANOSINE-5'-TRIPHOSPHATE"
5 non-polymer 'CALCIUM ION'
6 water water
#
loop_
_entity_poly.entity_id
_entity_poly.type
_entity_poly.pdbx_seq_one_letter_code
_entity_poly.pdbx_strand_id
1 'polypeptide(L)'
;MIVLFVDFDYFYAQVEEVLNPSLKGKPVVVCVFSGRFEDSGAVATANYEARKFGVKAGIPIVEAKKILPNAVYLPMRKEV
YQQVSSRIMNLLREYSEKIEIASIDEAYLDISDKVRDYREAYNLGLEIKNKILEKEKITVTVGISKNKVFAKIAADMAKP
NGIKVIDDEEVKRLIRELDIADVPGIGNITAEKLKKLGINKLVDTLSIEFDKLKGMIGEAKAKYLISLARDEYNEPIRTR
VRKSIGRIVTMKRNSRNLEEIKPYLFRAIEESYYKLDKRIPKAIHVVAVTEDLDIVSRGRTFPHGISKETAYSESVKLLQ
KILEEDERKIRRIGVRFSKFI
;
A
2 'polydeoxyribonucleotide' (DC)(DA)(DC)(HN1)(DG)(DA)(DA)(DT)(DC)(DC)(DT)(DT)(DC)(DC)(DC)(DC)(DC) B
3 'polydeoxyribonucleotide' (DG)(DG)(DG)(DG)(DG)(DA)(DA)(DG)(DG)(DA)(DT)(DT)(DC) C
#
loop_
_chem_comp.id
_chem_comp.type
_chem_comp.name
_chem_comp.formula
CA non-polymer 'CALCIUM ION' 'Ca 2'
DA DNA linking 2'-DEOXYADENOSINE-5'-MONOPHOSPHATE 'C10 H14 N5 O6 P'
DC DNA linking 2'-DEOXYCYTIDINE-5'-MONOPHOSPHATE 'C9 H14 N3 O7 P'
DG DNA linking 2'-DEOXYGUANOSINE-5'-MONOPHOSPHATE 'C10 H14 N5 O7 P'
DGT non-polymer 2'-DEOXYGUANOSINE-5'-TRIPHOSPHATE 'C10 H16 N5 O13 P3'
DT DNA linking THYMIDINE-5'-MONOPHOSPHATE 'C10 H15 N2 O8 P'
HN1 DNA linking (6S,8R)-3-(2-deoxy-5-O-phosphono-beta-D-erythro-pentofuranosyl)-8-hydroxy-6-[(1S)-1-hydroxyhexyl]-4,6,7,8-tetrahydropyrimido[1,2-a]purin-10(3H)-one 'C19 H30 N5 O9 P'
#
# COMPACT_ATOMS: atom_id res chain seq x y z
N MET A 1 -25.67 -7.18 3.44
CA MET A 1 -24.17 -7.22 3.46
C MET A 1 -23.60 -5.91 3.99
N ILE A 2 -22.90 -5.98 5.12
CA ILE A 2 -22.31 -4.80 5.72
C ILE A 2 -20.82 -5.00 5.94
N VAL A 3 -20.03 -4.11 5.36
CA VAL A 3 -18.58 -4.19 5.48
C VAL A 3 -18.11 -2.99 6.29
N LEU A 4 -17.16 -3.24 7.17
CA LEU A 4 -16.60 -2.17 7.99
C LEU A 4 -15.11 -2.12 7.70
N PHE A 5 -14.65 -1.00 7.17
CA PHE A 5 -13.24 -0.81 6.83
C PHE A 5 -12.56 0.09 7.85
N VAL A 6 -11.39 -0.34 8.32
CA VAL A 6 -10.61 0.42 9.30
C VAL A 6 -9.30 0.86 8.65
N ASP A 7 -9.00 2.15 8.78
CA ASP A 7 -7.80 2.74 8.20
C ASP A 7 -7.11 3.64 9.24
N PHE A 8 -5.98 3.21 9.79
CA PHE A 8 -5.28 4.00 10.82
C PHE A 8 -4.80 5.36 10.33
N ASP A 9 -4.98 6.42 11.12
CA ASP A 9 -4.57 7.75 10.71
C ASP A 9 -3.05 7.99 10.70
N TYR A 10 -2.58 8.63 9.63
CA TYR A 10 -1.16 8.96 9.41
C TYR A 10 -0.27 8.01 10.20
N PHE A 11 -0.59 6.73 10.06
CA PHE A 11 0.05 5.65 10.79
C PHE A 11 1.51 5.68 11.24
N TYR A 12 2.47 5.75 10.33
CA TYR A 12 3.87 5.73 10.75
C TYR A 12 4.16 6.91 11.67
N ALA A 13 3.64 8.08 11.32
CA ALA A 13 3.86 9.27 12.12
C ALA A 13 3.16 9.16 13.48
N GLN A 14 1.94 8.61 13.50
CA GLN A 14 1.21 8.50 14.75
C GLN A 14 1.90 7.52 15.71
N VAL A 15 2.54 6.49 15.18
CA VAL A 15 3.22 5.54 16.04
C VAL A 15 4.39 6.24 16.70
N GLU A 16 5.13 7.04 15.92
CA GLU A 16 6.26 7.77 16.44
C GLU A 16 5.78 8.71 17.57
N GLU A 17 4.58 9.27 17.41
CA GLU A 17 4.02 10.14 18.44
C GLU A 17 3.69 9.30 19.67
N VAL A 18 3.02 8.17 19.47
CA VAL A 18 2.68 7.30 20.60
C VAL A 18 3.95 6.96 21.37
N LEU A 19 5.03 6.63 20.67
CA LEU A 19 6.29 6.29 21.32
C LEU A 19 7.05 7.49 21.91
N ASN A 20 6.63 8.70 21.56
CA ASN A 20 7.26 9.92 22.07
C ASN A 20 6.27 11.07 21.99
N PRO A 21 5.28 11.09 22.92
CA PRO A 21 4.19 12.05 23.07
C PRO A 21 4.57 13.53 23.00
N SER A 22 5.81 13.86 23.31
CA SER A 22 6.22 15.27 23.24
C SER A 22 6.14 15.77 21.81
N LEU A 23 6.11 14.83 20.84
CA LEU A 23 6.03 15.21 19.42
C LEU A 23 4.64 15.69 19.05
N LYS A 24 3.64 15.23 19.80
CA LYS A 24 2.25 15.58 19.56
C LYS A 24 2.06 17.09 19.33
N GLY A 25 1.23 17.44 18.37
CA GLY A 25 0.98 18.85 18.08
C GLY A 25 1.99 19.51 17.15
N LYS A 26 3.17 18.91 17.02
CA LYS A 26 4.22 19.43 16.14
C LYS A 26 4.19 18.71 14.79
N PRO A 27 4.83 19.30 13.76
CA PRO A 27 4.83 18.62 12.46
C PRO A 27 5.89 17.50 12.50
N VAL A 28 5.45 16.28 12.23
CA VAL A 28 6.35 15.13 12.26
C VAL A 28 6.48 14.48 10.88
N VAL A 29 7.71 14.33 10.42
CA VAL A 29 7.97 13.76 9.09
C VAL A 29 8.80 12.45 9.15
N VAL A 30 8.17 11.33 8.80
CA VAL A 30 8.87 10.04 8.80
C VAL A 30 9.50 9.86 7.42
N CYS A 31 10.82 9.78 7.39
CA CYS A 31 11.54 9.69 6.13
C CYS A 31 12.32 8.41 5.84
N VAL A 32 12.56 8.19 4.55
CA VAL A 32 13.34 7.06 4.08
C VAL A 32 14.60 7.66 3.45
N PHE A 33 15.71 7.60 4.17
CA PHE A 33 16.99 8.16 3.70
C PHE A 33 17.73 7.20 2.77
N SER A 34 17.96 7.62 1.53
CA SER A 34 18.64 6.77 0.54
C SER A 34 20.16 6.74 0.66
N GLY A 35 20.74 7.67 1.41
CA GLY A 35 22.18 7.70 1.56
C GLY A 35 23.00 8.25 0.41
N ARG A 36 22.36 8.65 -0.68
CA ARG A 36 23.10 9.19 -1.84
C ARG A 36 23.76 10.52 -1.52
N PHE A 37 23.18 11.26 -0.57
CA PHE A 37 23.71 12.55 -0.17
C PHE A 37 22.91 13.12 1.00
N GLU A 38 23.34 14.29 1.46
CA GLU A 38 22.68 14.98 2.57
C GLU A 38 21.16 15.06 2.36
N ASP A 39 20.40 14.38 3.21
CA ASP A 39 18.95 14.39 3.13
C ASP A 39 18.36 13.84 1.83
N SER A 40 19.07 12.94 1.16
CA SER A 40 18.50 12.38 -0.07
C SER A 40 17.49 11.34 0.38
N GLY A 41 16.37 11.26 -0.32
CA GLY A 41 15.36 10.29 0.03
C GLY A 41 13.95 10.83 -0.15
N ALA A 42 12.98 10.07 0.34
CA ALA A 42 11.59 10.48 0.22
C ALA A 42 10.90 10.43 1.59
N VAL A 43 9.75 11.06 1.66
CA VAL A 43 8.94 11.06 2.88
C VAL A 43 8.00 9.87 2.79
N ALA A 44 7.98 9.03 3.82
CA ALA A 44 7.09 7.86 3.86
C ALA A 44 5.69 8.38 4.17
N THR A 45 5.62 9.25 5.16
CA THR A 45 4.36 9.89 5.57
C THR A 45 4.64 11.01 6.59
N ALA A 46 3.61 11.80 6.87
CA ALA A 46 3.77 12.88 7.83
C ALA A 46 2.45 13.12 8.55
N ASN A 47 2.47 13.69 9.75
CA ASN A 47 1.22 13.93 10.42
C ASN A 47 0.52 15.14 9.77
N TYR A 48 -0.70 15.42 10.19
CA TYR A 48 -1.46 16.52 9.61
C TYR A 48 -0.88 17.91 9.84
N GLU A 49 -0.12 18.09 10.91
CA GLU A 49 0.49 19.40 11.16
C GLU A 49 1.37 19.72 9.97
N ALA A 50 2.13 18.72 9.52
CA ALA A 50 2.99 18.89 8.38
C ALA A 50 2.25 18.87 7.04
N ARG A 51 1.21 18.05 6.91
CA ARG A 51 0.47 17.96 5.65
C ARG A 51 -0.27 19.21 5.23
N LYS A 52 -0.66 20.05 6.18
CA LYS A 52 -1.39 21.23 5.81
C LYS A 52 -0.50 22.25 5.10
N PHE A 53 0.81 22.00 5.13
CA PHE A 53 1.76 22.89 4.48
C PHE A 53 2.36 22.25 3.23
N GLY A 54 1.76 21.16 2.76
CA GLY A 54 2.28 20.48 1.58
C GLY A 54 3.25 19.33 1.81
N VAL A 55 3.67 19.08 3.05
CA VAL A 55 4.58 17.96 3.29
C VAL A 55 3.78 16.67 3.41
N LYS A 56 4.05 15.73 2.50
CA LYS A 56 3.31 14.48 2.47
C LYS A 56 4.10 13.33 1.82
N ALA A 57 3.57 12.13 1.94
CA ALA A 57 4.21 10.93 1.39
C ALA A 57 4.59 11.15 -0.08
N GLY A 58 5.78 10.72 -0.44
CA GLY A 58 6.21 10.85 -1.82
C GLY A 58 7.16 11.98 -2.17
N ILE A 59 6.97 13.16 -1.58
CA ILE A 59 7.85 14.28 -1.89
C ILE A 59 9.24 14.04 -1.33
N PRO A 60 10.27 14.64 -1.96
CA PRO A 60 11.66 14.50 -1.52
C PRO A 60 11.87 15.11 -0.13
N ILE A 61 12.77 14.51 0.63
CA ILE A 61 13.06 15.02 1.96
C ILE A 61 13.58 16.45 1.87
N VAL A 62 14.43 16.70 0.88
CA VAL A 62 15.03 18.02 0.67
C VAL A 62 13.97 19.11 0.46
N GLU A 63 12.88 18.76 -0.20
CA GLU A 63 11.81 19.73 -0.45
C GLU A 63 10.94 19.92 0.79
N ALA A 64 10.82 18.87 1.60
CA ALA A 64 10.02 18.97 2.81
C ALA A 64 10.71 19.95 3.75
N LYS A 65 12.04 19.87 3.80
CA LYS A 65 12.83 20.74 4.67
C LYS A 65 12.81 22.21 4.27
N LYS A 66 12.68 22.50 2.98
CA LYS A 66 12.65 23.88 2.53
C LYS A 66 11.32 24.50 2.98
N ILE A 67 10.27 23.68 3.03
CA ILE A 67 8.95 24.14 3.44
C ILE A 67 8.83 24.22 4.96
N LEU A 68 9.25 23.15 5.63
CA LEU A 68 9.20 23.09 7.09
C LEU A 68 10.57 22.77 7.63
N PRO A 69 11.48 23.75 7.59
CA PRO A 69 12.84 23.51 8.10
C PRO A 69 12.92 23.13 9.58
N ASN A 70 11.90 23.51 10.36
CA ASN A 70 11.93 23.21 11.80
C ASN A 70 11.09 22.03 12.27
N ALA A 71 10.54 21.26 11.34
CA ALA A 71 9.76 20.10 11.71
C ALA A 71 10.68 19.00 12.26
N VAL A 72 10.09 17.95 12.80
CA VAL A 72 10.88 16.84 13.32
C VAL A 72 10.95 15.78 12.24
N TYR A 73 12.17 15.42 11.85
CA TYR A 73 12.39 14.43 10.81
C TYR A 73 12.91 13.13 11.44
N LEU A 74 12.18 12.05 11.22
CA LEU A 74 12.55 10.77 11.80
C LEU A 74 12.70 9.67 10.75
N PRO A 75 13.68 8.78 10.95
CA PRO A 75 13.90 7.68 10.00
C PRO A 75 12.80 6.65 10.22
N MET A 76 12.21 6.19 9.11
CA MET A 76 11.15 5.20 9.16
C MET A 76 11.61 3.92 9.87
N ARG A 77 10.79 3.44 10.81
CA ARG A 77 11.09 2.21 11.54
C ARG A 77 10.00 1.16 11.30
N LYS A 78 9.94 0.67 10.06
CA LYS A 78 8.98 -0.32 9.57
C LYS A 78 8.62 -1.47 10.55
N GLU A 79 9.63 -2.15 11.08
CA GLU A 79 9.43 -3.26 12.00
C GLU A 79 8.56 -2.87 13.20
N VAL A 80 8.84 -1.71 13.78
CA VAL A 80 8.07 -1.23 14.93
C VAL A 80 6.61 -0.99 14.55
N TYR A 81 6.38 -0.32 13.42
CA TYR A 81 5.01 -0.05 13.00
C TYR A 81 4.30 -1.37 12.70
N GLN A 82 5.03 -2.32 12.14
CA GLN A 82 4.43 -3.60 11.80
C GLN A 82 3.94 -4.33 13.04
N GLN A 83 4.72 -4.26 14.11
CA GLN A 83 4.32 -4.94 15.35
C GLN A 83 3.13 -4.21 15.99
N VAL A 84 3.10 -2.88 15.92
CA VAL A 84 1.97 -2.18 16.51
C VAL A 84 0.76 -2.53 15.66
N SER A 85 0.95 -2.57 14.35
CA SER A 85 -0.13 -2.89 13.43
C SER A 85 -0.71 -4.26 13.76
N SER A 86 0.16 -5.25 13.97
CA SER A 86 -0.29 -6.60 14.29
C SER A 86 -1.19 -6.61 15.52
N ARG A 87 -0.79 -5.90 16.57
CA ARG A 87 -1.57 -5.86 17.79
C ARG A 87 -2.94 -5.28 17.54
N ILE A 88 -3.02 -4.30 16.63
CA ILE A 88 -4.30 -3.69 16.34
C ILE A 88 -5.18 -4.65 15.54
N MET A 89 -4.57 -5.39 14.62
CA MET A 89 -5.34 -6.35 13.82
C MET A 89 -5.94 -7.41 14.75
N ASN A 90 -5.20 -7.80 15.79
CA ASN A 90 -5.72 -8.80 16.72
C ASN A 90 -6.92 -8.26 17.47
N LEU A 91 -6.98 -6.95 17.72
CA LEU A 91 -8.13 -6.38 18.41
C LEU A 91 -9.36 -6.43 17.50
N LEU A 92 -9.16 -6.13 16.22
CA LEU A 92 -10.24 -6.13 15.25
C LEU A 92 -10.81 -7.53 15.08
N ARG A 93 -9.94 -8.54 15.15
CA ARG A 93 -10.35 -9.93 15.00
C ARG A 93 -11.46 -10.32 15.97
N GLU A 94 -11.45 -9.69 17.15
CA GLU A 94 -12.43 -9.98 18.18
C GLU A 94 -13.78 -9.35 17.88
N TYR A 95 -13.91 -8.79 16.68
CA TYR A 95 -15.15 -8.14 16.26
C TYR A 95 -15.75 -8.86 15.07
N SER A 96 -14.99 -9.80 14.50
CA SER A 96 -15.44 -10.58 13.37
C SER A 96 -14.40 -11.61 12.96
N GLU A 97 -14.84 -12.84 12.72
CA GLU A 97 -13.94 -13.90 12.31
C GLU A 97 -13.58 -13.70 10.85
N LYS A 98 -14.41 -12.96 10.13
CA LYS A 98 -14.18 -12.66 8.72
C LYS A 98 -13.51 -11.29 8.61
N ILE A 99 -12.19 -11.31 8.47
CA ILE A 99 -11.38 -10.10 8.38
C ILE A 99 -10.37 -10.15 7.23
N GLU A 100 -10.22 -9.04 6.52
CA GLU A 100 -9.26 -8.97 5.42
C GLU A 100 -8.20 -7.91 5.71
N ILE A 101 -7.00 -8.36 6.06
CA ILE A 101 -5.91 -7.43 6.33
C ILE A 101 -5.31 -7.04 4.98
N ALA A 102 -5.70 -5.86 4.50
CA ALA A 102 -5.26 -5.38 3.21
C ALA A 102 -3.86 -4.82 3.15
N SER A 103 -3.37 -4.25 4.25
CA SER A 103 -2.02 -3.67 4.31
C SER A 103 -1.61 -3.43 5.75
N ILE A 104 -0.45 -2.83 5.95
CA ILE A 104 0.03 -2.56 7.30
C ILE A 104 -0.91 -1.69 8.12
N ASP A 105 -1.87 -1.04 7.48
CA ASP A 105 -2.78 -0.20 8.25
C ASP A 105 -4.23 -0.16 7.79
N GLU A 106 -4.63 -1.13 6.96
CA GLU A 106 -6.01 -1.21 6.45
C GLU A 106 -6.60 -2.60 6.71
N ALA A 107 -7.88 -2.66 7.02
CA ALA A 107 -8.54 -3.94 7.24
C ALA A 107 -10.04 -3.83 7.05
N TYR A 108 -10.62 -4.86 6.44
CA TYR A 108 -12.06 -4.89 6.20
C TYR A 108 -12.62 -5.98 7.09
N LEU A 109 -13.79 -5.72 7.65
CA LEU A 109 -14.46 -6.71 8.50
C LEU A 109 -15.85 -6.93 7.95
N ASP A 110 -16.21 -8.19 7.82
CA ASP A 110 -17.53 -8.56 7.35
C ASP A 110 -18.33 -8.70 8.65
N ILE A 111 -19.10 -7.66 8.99
CA ILE A 111 -19.88 -7.71 10.22
C ILE A 111 -21.36 -7.89 9.92
N SER A 112 -21.67 -8.62 8.85
CA SER A 112 -23.06 -8.85 8.45
C SER A 112 -23.86 -9.58 9.53
N ASP A 113 -23.19 -10.44 10.29
CA ASP A 113 -23.83 -11.19 11.35
C ASP A 113 -23.96 -10.35 12.62
N LYS A 114 -22.80 -9.92 13.14
CA LYS A 114 -22.74 -9.13 14.37
C LYS A 114 -23.74 -8.00 14.43
N VAL A 115 -24.11 -7.46 13.28
CA VAL A 115 -25.05 -6.34 13.24
C VAL A 115 -26.26 -6.62 12.35
N ARG A 116 -27.36 -5.92 12.61
CA ARG A 116 -28.58 -6.12 11.83
C ARG A 116 -28.90 -4.93 10.93
N ASP A 117 -28.24 -3.79 11.17
CA ASP A 117 -28.47 -2.61 10.35
C ASP A 117 -27.33 -1.60 10.47
N TYR A 118 -27.43 -0.51 9.72
CA TYR A 118 -26.38 0.50 9.75
C TYR A 118 -26.24 1.23 11.06
N ARG A 119 -27.35 1.47 11.75
CA ARG A 119 -27.32 2.15 13.03
C ARG A 119 -26.40 1.38 13.97
N GLU A 120 -26.61 0.08 14.05
CA GLU A 120 -25.79 -0.79 14.90
C GLU A 120 -24.36 -0.88 14.39
N ALA A 121 -24.18 -0.82 13.08
CA ALA A 121 -22.86 -0.88 12.47
C ALA A 121 -22.04 0.32 12.95
N TYR A 122 -22.65 1.50 12.87
CA TYR A 122 -22.05 2.75 13.31
C TYR A 122 -21.54 2.57 14.75
N ASN A 123 -22.43 2.14 15.64
CA ASN A 123 -22.09 1.93 17.04
C ASN A 123 -20.96 0.93 17.24
N LEU A 124 -20.87 -0.07 16.38
CA LEU A 124 -19.79 -1.05 16.50
C LEU A 124 -18.50 -0.33 16.08
N GLY A 125 -18.65 0.59 15.13
CA GLY A 125 -17.51 1.36 14.66
C GLY A 125 -16.92 2.19 15.79
N LEU A 126 -17.79 2.93 16.48
CA LEU A 126 -17.34 3.75 17.59
C LEU A 126 -16.69 2.87 18.64
N GLU A 127 -17.29 1.72 18.88
CA GLU A 127 -16.76 0.77 19.85
C GLU A 127 -15.33 0.40 19.44
N ILE A 128 -15.14 0.06 18.15
CA ILE A 128 -13.82 -0.30 17.64
C ILE A 128 -12.84 0.87 17.75
N LYS A 129 -13.28 2.06 17.37
CA LYS A 129 -12.42 3.22 17.46
C LYS A 129 -11.96 3.44 18.90
N ASN A 130 -12.91 3.39 19.83
CA ASN A 130 -12.58 3.60 21.23
C ASN A 130 -11.65 2.53 21.77
N LYS A 131 -11.94 1.28 21.42
CA LYS A 131 -11.09 0.20 21.87
C LYS A 131 -9.63 0.43 21.44
N ILE A 132 -9.42 0.72 20.16
CA ILE A 132 -8.07 0.92 19.64
C ILE A 132 -7.39 2.15 20.28
N LEU A 133 -8.12 3.23 20.46
CA LEU A 133 -7.57 4.43 21.06
C LEU A 133 -7.13 4.14 22.50
N GLU A 134 -7.99 3.47 23.26
CA GLU A 134 -7.68 3.13 24.65
C GLU A 134 -6.50 2.16 24.77
N LYS A 135 -6.58 1.07 24.00
CA LYS A 135 -5.55 0.02 24.02
C LYS A 135 -4.17 0.37 23.47
N GLU A 136 -4.14 1.06 22.34
CA GLU A 136 -2.87 1.41 21.70
C GLU A 136 -2.67 2.91 21.53
N LYS A 137 -3.69 3.67 21.90
CA LYS A 137 -3.67 5.12 21.81
C LYS A 137 -3.45 5.60 20.38
N ILE A 138 -4.12 4.93 19.45
CA ILE A 138 -4.02 5.28 18.04
C ILE A 138 -5.40 5.52 17.46
N THR A 139 -5.57 6.66 16.79
CA THR A 139 -6.84 7.02 16.19
C THR A 139 -6.91 6.46 14.78
N VAL A 140 -8.10 6.03 14.38
CA VAL A 140 -8.33 5.46 13.06
C VAL A 140 -9.61 6.01 12.44
N THR A 141 -9.80 5.76 11.14
CA THR A 141 -11.01 6.21 10.48
C THR A 141 -11.81 4.97 10.05
N VAL A 142 -13.11 5.00 10.29
CA VAL A 142 -13.97 3.88 9.94
C VAL A 142 -14.93 4.19 8.81
N GLY A 143 -14.96 3.30 7.81
CA GLY A 143 -15.87 3.47 6.69
C GLY A 143 -16.81 2.29 6.71
N ILE A 144 -18.10 2.52 6.48
CA ILE A 144 -19.09 1.44 6.50
C ILE A 144 -20.05 1.51 5.32
N SER A 145 -20.23 0.38 4.64
CA SER A 145 -21.13 0.36 3.51
C SER A 145 -21.50 -1.04 3.07
N LYS A 146 -22.06 -1.13 1.87
CA LYS A 146 -22.53 -2.37 1.27
C LYS A 146 -21.42 -3.33 0.86
N ASN A 147 -20.28 -2.79 0.44
CA ASN A 147 -19.17 -3.65 0.02
C ASN A 147 -17.83 -3.01 0.36
N LYS A 148 -16.76 -3.75 0.11
CA LYS A 148 -15.41 -3.28 0.39
C LYS A 148 -15.07 -1.95 -0.27
N VAL A 149 -15.41 -1.81 -1.54
CA VAL A 149 -15.09 -0.57 -2.23
C VAL A 149 -15.71 0.66 -1.59
N PHE A 150 -17.03 0.68 -1.42
CA PHE A 150 -17.64 1.86 -0.80
C PHE A 150 -17.26 2.03 0.66
N ALA A 151 -16.92 0.93 1.32
CA ALA A 151 -16.50 1.01 2.71
C ALA A 151 -15.22 1.85 2.74
N LYS A 152 -14.33 1.57 1.79
CA LYS A 152 -13.06 2.29 1.71
C LYS A 152 -13.32 3.75 1.34
N ILE A 153 -14.19 3.97 0.34
CA ILE A 153 -14.54 5.32 -0.09
C ILE A 153 -15.08 6.10 1.11
N ALA A 154 -15.88 5.41 1.93
CA ALA A 154 -16.46 6.04 3.12
C ALA A 154 -15.33 6.56 4.01
N ALA A 155 -14.36 5.71 4.31
CA ALA A 155 -13.23 6.11 5.16
C ALA A 155 -12.49 7.31 4.55
N ASP A 156 -12.20 7.22 3.24
CA ASP A 156 -11.51 8.31 2.55
C ASP A 156 -12.22 9.63 2.74
N MET A 157 -13.54 9.59 2.80
CA MET A 157 -14.33 10.79 2.97
C MET A 157 -14.28 11.37 4.37
N ALA A 158 -14.32 10.48 5.37
CA ALA A 158 -14.36 10.89 6.78
C ALA A 158 -13.05 11.10 7.52
N LYS A 159 -11.92 10.87 6.88
CA LYS A 159 -10.66 11.03 7.60
C LYS A 159 -10.18 12.47 7.75
N PRO A 160 -9.37 12.74 8.78
CA PRO A 160 -8.90 11.77 9.78
C PRO A 160 -9.80 11.59 11.00
N ASN A 161 -9.48 10.58 11.80
CA ASN A 161 -10.23 10.27 13.01
C ASN A 161 -11.74 10.42 12.85
N GLY A 162 -12.29 9.75 11.84
CA GLY A 162 -13.72 9.81 11.61
C GLY A 162 -14.35 8.44 11.49
N ILE A 163 -15.62 8.45 11.12
CA ILE A 163 -16.40 7.23 10.94
C ILE A 163 -17.55 7.66 10.04
N LYS A 164 -17.89 6.82 9.07
CA LYS A 164 -18.96 7.17 8.16
C LYS A 164 -19.66 5.98 7.54
N VAL A 165 -20.95 6.13 7.36
CA VAL A 165 -21.76 5.11 6.73
C VAL A 165 -22.21 5.63 5.36
N ILE A 166 -22.13 4.78 4.35
CA ILE A 166 -22.59 5.13 3.02
C ILE A 166 -23.71 4.17 2.73
N ASP A 167 -24.94 4.64 2.94
CA ASP A 167 -26.15 3.84 2.73
C ASP A 167 -26.44 3.62 1.25
N ASP A 168 -27.31 2.66 0.98
CA ASP A 168 -27.69 2.32 -0.38
C ASP A 168 -28.20 3.54 -1.14
N GLU A 169 -28.77 4.50 -0.42
CA GLU A 169 -29.26 5.70 -1.06
C GLU A 169 -28.07 6.51 -1.57
N GLU A 170 -27.03 6.62 -0.75
CA GLU A 170 -25.85 7.37 -1.14
C GLU A 170 -25.00 6.66 -2.19
N VAL A 171 -24.96 5.33 -2.12
CA VAL A 171 -24.18 4.59 -3.10
C VAL A 171 -24.57 5.08 -4.49
N LYS A 172 -25.88 5.09 -4.75
CA LYS A 172 -26.42 5.52 -6.03
C LYS A 172 -26.04 6.93 -6.43
N ARG A 173 -26.11 7.88 -5.51
CA ARG A 173 -25.73 9.25 -5.86
C ARG A 173 -24.23 9.31 -6.14
N LEU A 174 -23.45 8.46 -5.47
CA LEU A 174 -22.00 8.42 -5.68
C LEU A 174 -21.68 7.80 -7.05
N ILE A 175 -22.42 6.77 -7.43
CA ILE A 175 -22.22 6.11 -8.72
C ILE A 175 -22.40 7.11 -9.86
N ARG A 176 -23.16 8.17 -9.59
CA ARG A 176 -23.41 9.18 -10.60
C ARG A 176 -22.67 10.49 -10.31
N GLU A 177 -22.26 10.68 -9.06
CA GLU A 177 -21.58 11.91 -8.69
C GLU A 177 -20.08 11.83 -8.44
N LEU A 178 -19.59 10.68 -7.96
CA LEU A 178 -18.17 10.53 -7.64
C LEU A 178 -17.20 10.54 -8.82
N ASP A 179 -16.15 11.34 -8.68
CA ASP A 179 -15.12 11.42 -9.69
C ASP A 179 -14.57 9.99 -9.77
N ILE A 180 -14.55 9.40 -10.96
CA ILE A 180 -14.10 8.03 -11.11
C ILE A 180 -12.66 7.85 -10.64
N ALA A 181 -11.89 8.94 -10.63
CA ALA A 181 -10.52 8.87 -10.16
C ALA A 181 -10.52 8.53 -8.68
N ASP A 182 -11.57 8.89 -7.96
CA ASP A 182 -11.60 8.59 -6.54
C ASP A 182 -12.00 7.17 -6.21
N VAL A 183 -12.19 6.36 -7.24
CA VAL A 183 -12.55 4.95 -7.06
C VAL A 183 -11.25 4.15 -6.84
N PRO A 184 -11.21 3.31 -5.79
CA PRO A 184 -10.01 2.51 -5.50
C PRO A 184 -9.66 1.60 -6.67
N GLY A 185 -8.38 1.53 -6.98
CA GLY A 185 -7.95 0.69 -8.08
C GLY A 185 -7.81 1.52 -9.33
N ILE A 186 -8.18 2.79 -9.23
CA ILE A 186 -8.07 3.70 -10.37
C ILE A 186 -6.98 4.72 -10.12
N GLY A 187 -5.77 4.44 -10.62
CA GLY A 187 -4.67 5.38 -10.44
C GLY A 187 -4.65 6.45 -11.51
N ASN A 188 -3.52 7.17 -11.63
CA ASN A 188 -3.38 8.24 -12.62
C ASN A 188 -3.49 7.75 -14.07
N ILE A 189 -2.85 6.63 -14.37
CA ILE A 189 -2.86 6.08 -15.71
C ILE A 189 -4.23 5.61 -16.17
N THR A 190 -4.95 4.90 -15.31
CA THR A 190 -6.28 4.43 -15.69
C THR A 190 -7.27 5.59 -15.77
N ALA A 191 -7.14 6.58 -14.89
CA ALA A 191 -8.05 7.72 -14.90
C ALA A 191 -7.94 8.51 -16.19
N GLU A 192 -6.70 8.74 -16.63
CA GLU A 192 -6.48 9.49 -17.86
C GLU A 192 -7.07 8.73 -19.04
N LYS A 193 -6.85 7.41 -19.06
CA LYS A 193 -7.38 6.59 -20.13
C LYS A 193 -8.90 6.69 -20.16
N LEU A 194 -9.49 6.70 -18.96
CA LEU A 194 -10.95 6.78 -18.83
C LEU A 194 -11.50 8.16 -19.25
N LYS A 195 -10.67 9.19 -19.11
CA LYS A 195 -11.05 10.56 -19.49
C LYS A 195 -11.19 10.61 -21.01
N LYS A 196 -10.18 10.12 -21.70
CA LYS A 196 -10.20 10.12 -23.16
C LYS A 196 -11.40 9.37 -23.70
N LEU A 197 -11.96 8.47 -22.90
CA LEU A 197 -13.13 7.70 -23.31
C LEU A 197 -14.41 8.42 -22.91
N GLY A 198 -14.28 9.56 -22.23
CA GLY A 198 -15.44 10.31 -21.81
C GLY A 198 -16.06 9.88 -20.50
N ILE A 199 -15.42 8.94 -19.81
CA ILE A 199 -15.93 8.44 -18.53
C ILE A 199 -15.30 9.20 -17.35
N ASN A 200 -16.10 10.04 -16.69
CA ASN A 200 -15.60 10.81 -15.55
C ASN A 200 -16.30 10.39 -14.25
N LYS A 201 -17.31 9.54 -14.41
CA LYS A 201 -18.10 9.04 -13.28
C LYS A 201 -18.37 7.57 -13.52
N LEU A 202 -18.53 6.80 -12.46
CA LEU A 202 -18.80 5.38 -12.63
C LEU A 202 -19.97 5.21 -13.60
N VAL A 203 -20.96 6.08 -13.46
CA VAL A 203 -22.15 6.02 -14.31
C VAL A 203 -21.86 6.11 -15.81
N ASP A 204 -20.71 6.65 -16.18
CA ASP A 204 -20.37 6.75 -17.59
C ASP A 204 -19.86 5.44 -18.19
N THR A 205 -19.54 4.46 -17.35
CA THR A 205 -19.03 3.18 -17.83
C THR A 205 -20.08 2.29 -18.48
N LEU A 206 -21.34 2.69 -18.41
CA LEU A 206 -22.41 1.90 -19.01
C LEU A 206 -22.82 2.49 -20.36
N SER A 207 -22.30 3.68 -20.67
CA SER A 207 -22.60 4.34 -21.93
C SER A 207 -21.46 4.11 -22.91
N ILE A 208 -20.77 2.98 -22.74
CA ILE A 208 -19.64 2.61 -23.59
C ILE A 208 -19.77 1.13 -23.90
N GLU A 209 -19.26 0.71 -25.06
CA GLU A 209 -19.31 -0.70 -25.42
C GLU A 209 -18.24 -1.41 -24.59
N PHE A 210 -18.60 -2.53 -24.01
CA PHE A 210 -17.68 -3.30 -23.18
C PHE A 210 -16.33 -3.55 -23.84
N ASP A 211 -16.35 -4.23 -24.99
CA ASP A 211 -15.11 -4.54 -25.69
C ASP A 211 -14.20 -3.36 -25.93
N LYS A 212 -14.76 -2.17 -26.09
CA LYS A 212 -13.92 -0.99 -26.29
C LYS A 212 -13.29 -0.58 -24.96
N LEU A 213 -14.04 -0.80 -23.87
CA LEU A 213 -13.55 -0.48 -22.53
C LEU A 213 -12.46 -1.49 -22.18
N LYS A 214 -12.75 -2.77 -22.42
CA LYS A 214 -11.80 -3.84 -22.15
C LYS A 214 -10.51 -3.58 -22.93
N GLY A 215 -10.66 -3.20 -24.19
CA GLY A 215 -9.49 -2.93 -25.00
C GLY A 215 -8.65 -1.78 -24.50
N MET A 216 -9.27 -0.87 -23.77
CA MET A 216 -8.56 0.29 -23.25
C MET A 216 -7.93 0.13 -21.86
N ILE A 217 -8.64 -0.49 -20.94
CA ILE A 217 -8.11 -0.65 -19.59
C ILE A 217 -7.97 -2.09 -19.13
N GLY A 218 -8.31 -3.03 -19.99
CA GLY A 218 -8.22 -4.42 -19.60
C GLY A 218 -9.55 -4.96 -19.14
N GLU A 219 -9.74 -6.26 -19.31
CA GLU A 219 -10.99 -6.91 -18.95
C GLU A 219 -11.28 -6.87 -17.45
N ALA A 220 -10.30 -7.29 -16.66
CA ALA A 220 -10.44 -7.33 -15.20
C ALA A 220 -10.87 -5.97 -14.68
N LYS A 221 -10.21 -4.91 -15.15
CA LYS A 221 -10.55 -3.57 -14.72
C LYS A 221 -11.91 -3.12 -15.26
N ALA A 222 -12.26 -3.57 -16.47
CA ALA A 222 -13.53 -3.20 -17.07
C ALA A 222 -14.70 -3.79 -16.29
N LYS A 223 -14.64 -5.09 -16.03
CA LYS A 223 -15.69 -5.79 -15.28
C LYS A 223 -15.82 -5.21 -13.88
N TYR A 224 -14.70 -4.84 -13.29
CA TYR A 224 -14.68 -4.25 -11.96
C TYR A 224 -15.52 -2.96 -11.94
N LEU A 225 -15.16 -1.99 -12.76
CA LEU A 225 -15.89 -0.72 -12.83
C LEU A 225 -17.37 -0.87 -13.22
N ILE A 226 -17.67 -1.81 -14.12
CA ILE A 226 -19.04 -2.02 -14.55
C ILE A 226 -19.91 -2.56 -13.42
N SER A 227 -19.39 -3.52 -12.65
CA SER A 227 -20.16 -4.09 -11.56
C SER A 227 -20.44 -3.02 -10.52
N LEU A 228 -19.47 -2.16 -10.25
CA LEU A 228 -19.67 -1.10 -9.28
C LEU A 228 -20.76 -0.15 -9.77
N ALA A 229 -20.62 0.29 -11.02
CA ALA A 229 -21.58 1.20 -11.63
C ALA A 229 -22.99 0.65 -11.67
N ARG A 230 -23.11 -0.67 -11.73
CA ARG A 230 -24.42 -1.32 -11.77
C ARG A 230 -24.87 -1.69 -10.36
N ASP A 231 -24.11 -1.20 -9.38
CA ASP A 231 -24.39 -1.44 -7.96
C ASP A 231 -24.46 -2.95 -7.70
N GLU A 232 -23.56 -3.69 -8.34
CA GLU A 232 -23.52 -5.15 -8.19
C GLU A 232 -22.17 -5.70 -7.72
N TYR A 233 -21.21 -4.83 -7.42
CA TYR A 233 -19.90 -5.27 -6.93
C TYR A 233 -20.15 -5.95 -5.57
N ASN A 234 -19.64 -7.15 -5.41
CA ASN A 234 -19.88 -7.86 -4.17
C ASN A 234 -18.83 -8.92 -3.84
N GLU A 235 -17.57 -8.48 -3.72
CA GLU A 235 -16.49 -9.40 -3.40
C GLU A 235 -16.45 -9.71 -1.91
N PRO A 236 -16.07 -10.94 -1.55
CA PRO A 236 -15.99 -11.37 -0.15
C PRO A 236 -14.70 -10.97 0.58
N ILE A 237 -14.81 -10.84 1.90
CA ILE A 237 -13.67 -10.48 2.75
C ILE A 237 -12.86 -11.76 2.95
N ARG A 238 -11.68 -11.81 2.35
CA ARG A 238 -10.83 -13.00 2.46
C ARG A 238 -9.45 -12.71 3.04
N THR A 239 -8.93 -13.65 3.80
CA THR A 239 -7.60 -13.50 4.40
C THR A 239 -6.55 -13.69 3.33
N ARG A 240 -5.83 -12.62 3.01
CA ARG A 240 -4.78 -12.68 2.00
C ARG A 240 -3.54 -13.35 2.60
N VAL A 241 -2.74 -13.97 1.76
CA VAL A 241 -1.53 -14.64 2.23
C VAL A 241 -0.29 -14.17 1.48
N ARG A 242 0.81 -13.99 2.21
CA ARG A 242 2.07 -13.55 1.63
C ARG A 242 2.47 -14.50 0.50
N LYS A 243 2.71 -13.94 -0.68
CA LYS A 243 3.10 -14.74 -1.83
C LYS A 243 4.54 -14.48 -2.27
N SER A 244 5.08 -13.34 -1.86
CA SER A 244 6.47 -13.02 -2.18
C SER A 244 7.09 -12.12 -1.11
N ILE A 245 8.39 -12.29 -0.91
CA ILE A 245 9.16 -11.50 0.04
C ILE A 245 10.35 -10.99 -0.77
N GLY A 246 10.76 -9.75 -0.51
CA GLY A 246 11.88 -9.19 -1.24
C GLY A 246 12.39 -7.91 -0.62
N ARG A 247 13.46 -7.39 -1.19
CA ARG A 247 14.06 -6.16 -0.70
C ARG A 247 14.88 -5.52 -1.82
N ILE A 248 14.80 -4.20 -1.89
CA ILE A 248 15.51 -3.42 -2.90
C ILE A 248 16.18 -2.23 -2.23
N VAL A 249 17.47 -2.04 -2.51
CA VAL A 249 18.20 -0.92 -1.91
C VAL A 249 18.77 0.03 -2.95
N THR A 250 19.16 1.20 -2.48
CA THR A 250 19.74 2.24 -3.32
C THR A 250 21.25 2.24 -3.12
N MET A 251 21.99 2.38 -4.22
CA MET A 251 23.44 2.41 -4.16
C MET A 251 23.87 3.86 -4.07
N LYS A 252 24.97 4.13 -3.38
CA LYS A 252 25.46 5.50 -3.24
C LYS A 252 25.64 6.18 -4.59
N ARG A 253 26.15 5.42 -5.56
CA ARG A 253 26.36 5.94 -6.91
C ARG A 253 25.88 4.90 -7.91
N ASN A 254 25.30 5.38 -9.02
CA ASN A 254 24.83 4.45 -10.05
C ASN A 254 26.00 3.64 -10.56
N SER A 255 25.73 2.49 -11.17
CA SER A 255 26.82 1.65 -11.66
C SER A 255 26.44 0.64 -12.74
N ARG A 256 27.47 -0.04 -13.23
CA ARG A 256 27.33 -1.05 -14.27
C ARG A 256 28.39 -2.10 -13.97
N ASN A 257 29.17 -1.82 -12.93
CA ASN A 257 30.25 -2.71 -12.51
C ASN A 257 29.74 -3.83 -11.60
N LEU A 258 29.70 -5.03 -12.15
CA LEU A 258 29.23 -6.22 -11.43
C LEU A 258 29.74 -6.32 -9.99
N GLU A 259 31.04 -6.10 -9.79
CA GLU A 259 31.64 -6.20 -8.47
C GLU A 259 31.26 -5.07 -7.53
N GLU A 260 30.77 -3.98 -8.10
CA GLU A 260 30.37 -2.83 -7.32
C GLU A 260 28.91 -2.99 -6.87
N ILE A 261 28.15 -3.70 -7.70
CA ILE A 261 26.74 -3.93 -7.43
C ILE A 261 26.50 -5.14 -6.52
N LYS A 262 27.27 -6.21 -6.70
CA LYS A 262 27.14 -7.43 -5.91
C LYS A 262 26.82 -7.23 -4.41
N PRO A 263 27.60 -6.38 -3.72
CA PRO A 263 27.39 -6.14 -2.30
C PRO A 263 25.97 -5.72 -1.91
N TYR A 264 25.38 -4.83 -2.70
CA TYR A 264 24.03 -4.37 -2.43
C TYR A 264 23.08 -5.53 -2.70
N LEU A 265 23.32 -6.25 -3.78
CA LEU A 265 22.48 -7.39 -4.14
C LEU A 265 22.53 -8.50 -3.10
N PHE A 266 23.72 -8.83 -2.62
CA PHE A 266 23.84 -9.88 -1.63
C PHE A 266 23.23 -9.48 -0.30
N ARG A 267 23.32 -8.19 0.01
CA ARG A 267 22.76 -7.64 1.23
C ARG A 267 21.23 -7.79 1.16
N ALA A 268 20.65 -7.53 -0.02
CA ALA A 268 19.22 -7.63 -0.20
C ALA A 268 18.78 -9.09 -0.04
N ILE A 269 19.58 -10.01 -0.57
CA ILE A 269 19.25 -11.42 -0.46
C ILE A 269 19.27 -11.84 1.01
N GLU A 270 20.27 -11.35 1.74
CA GLU A 270 20.43 -11.65 3.15
C GLU A 270 19.17 -11.27 3.93
N GLU A 271 18.76 -10.01 3.79
CA GLU A 271 17.57 -9.53 4.47
C GLU A 271 16.33 -10.27 4.00
N SER A 272 16.28 -10.58 2.71
CA SER A 272 15.13 -11.30 2.18
C SER A 272 15.04 -12.69 2.79
N TYR A 273 16.19 -13.35 2.95
CA TYR A 273 16.17 -14.69 3.52
C TYR A 273 15.84 -14.70 5.00
N TYR A 274 16.37 -13.73 5.74
CA TYR A 274 16.08 -13.65 7.16
C TYR A 274 14.57 -13.45 7.33
N LYS A 275 13.94 -12.78 6.37
CA LYS A 275 12.50 -12.53 6.44
C LYS A 275 11.65 -13.70 5.98
N LEU A 276 12.18 -14.52 5.10
CA LEU A 276 11.43 -15.68 4.61
C LEU A 276 11.03 -16.59 5.77
N ASP A 277 11.88 -16.64 6.79
CA ASP A 277 11.66 -17.47 7.97
C ASP A 277 10.83 -18.74 7.76
N LYS A 278 11.52 -19.85 7.46
CA LYS A 278 10.90 -21.15 7.25
C LYS A 278 10.21 -21.34 5.91
N ARG A 279 9.91 -20.25 5.22
CA ARG A 279 9.27 -20.34 3.90
C ARG A 279 10.35 -20.54 2.85
N ILE A 280 10.12 -21.48 1.93
CA ILE A 280 11.10 -21.77 0.88
C ILE A 280 10.55 -21.43 -0.49
N PRO A 281 11.22 -20.52 -1.21
CA PRO A 281 10.78 -20.11 -2.55
C PRO A 281 11.36 -20.95 -3.67
N LYS A 282 10.58 -21.11 -4.73
CA LYS A 282 11.02 -21.86 -5.89
C LYS A 282 11.37 -20.87 -7.01
N ALA A 283 11.04 -19.59 -6.78
CA ALA A 283 11.31 -18.56 -7.76
C ALA A 283 12.09 -17.35 -7.22
N ILE A 284 12.97 -16.83 -8.06
CA ILE A 284 13.77 -15.68 -7.70
C ILE A 284 13.82 -14.70 -8.85
N HIS A 285 13.72 -13.42 -8.52
CA HIS A 285 13.77 -12.36 -9.50
C HIS A 285 14.73 -11.26 -9.05
N VAL A 286 15.61 -10.85 -9.94
CA VAL A 286 16.52 -9.77 -9.64
C VAL A 286 15.84 -8.53 -10.23
N VAL A 287 15.67 -7.50 -9.41
CA VAL A 287 15.01 -6.28 -9.84
C VAL A 287 15.97 -5.10 -9.79
N ALA A 288 15.97 -4.32 -10.87
CA ALA A 288 16.85 -3.16 -10.97
C ALA A 288 16.10 -1.90 -11.35
N VAL A 289 16.48 -0.80 -10.72
CA VAL A 289 15.89 0.49 -11.03
C VAL A 289 17.01 1.21 -11.79
N THR A 290 16.80 1.43 -13.08
CA THR A 290 17.82 2.11 -13.89
C THR A 290 17.97 3.57 -13.46
N GLU A 291 18.99 4.23 -13.97
CA GLU A 291 19.26 5.62 -13.62
C GLU A 291 18.10 6.55 -13.96
N ASP A 292 17.27 6.18 -14.93
CA ASP A 292 16.13 7.01 -15.29
C ASP A 292 14.85 6.48 -14.64
N LEU A 293 15.01 5.95 -13.42
CA LEU A 293 13.92 5.42 -12.62
C LEU A 293 13.04 4.39 -13.30
N ASP A 294 13.58 3.72 -14.31
CA ASP A 294 12.84 2.66 -15.00
C ASP A 294 13.10 1.37 -14.22
N ILE A 295 12.15 0.42 -14.27
CA ILE A 295 12.30 -0.85 -13.54
C ILE A 295 12.40 -2.05 -14.48
N VAL A 296 13.52 -2.75 -14.41
CA VAL A 296 13.77 -3.93 -15.24
C VAL A 296 14.05 -5.15 -14.35
N SER A 297 13.64 -6.33 -14.79
CA SER A 297 13.87 -7.52 -13.98
C SER A 297 14.04 -8.83 -14.75
N ARG A 298 14.84 -9.71 -14.17
CA ARG A 298 15.08 -11.03 -14.76
C ARG A 298 14.94 -12.02 -13.63
N GLY A 299 14.23 -13.11 -13.89
CA GLY A 299 14.04 -14.09 -12.84
C GLY A 299 14.07 -15.49 -13.37
N ARG A 300 13.93 -16.45 -12.46
CA ARG A 300 13.93 -17.85 -12.82
C ARG A 300 13.17 -18.67 -11.79
N THR A 301 12.37 -19.60 -12.30
CA THR A 301 11.59 -20.48 -11.45
C THR A 301 12.25 -21.87 -11.48
N PHE A 302 12.51 -22.44 -10.30
CA PHE A 302 13.13 -23.76 -10.22
C PHE A 302 12.07 -24.82 -9.89
N PRO A 303 12.34 -26.09 -10.25
CA PRO A 303 11.40 -27.18 -9.97
C PRO A 303 11.44 -27.61 -8.51
N HIS A 304 12.33 -27.00 -7.74
CA HIS A 304 12.48 -27.27 -6.31
C HIS A 304 12.68 -25.95 -5.58
N GLY A 305 12.85 -26.00 -4.26
CA GLY A 305 13.06 -24.78 -3.49
C GLY A 305 14.47 -24.23 -3.71
N ILE A 306 14.68 -22.96 -3.38
CA ILE A 306 15.98 -22.33 -3.57
C ILE A 306 16.81 -22.19 -2.29
N SER A 307 17.96 -22.86 -2.23
CA SER A 307 18.83 -22.75 -1.06
C SER A 307 19.49 -21.37 -1.15
N LYS A 308 20.00 -20.88 -0.02
CA LYS A 308 20.64 -19.57 -0.04
C LYS A 308 21.82 -19.54 -1.02
N GLU A 309 22.63 -20.59 -1.03
CA GLU A 309 23.76 -20.62 -1.95
C GLU A 309 23.25 -20.47 -3.38
N THR A 310 22.20 -21.22 -3.74
CA THR A 310 21.63 -21.16 -5.08
C THR A 310 21.17 -19.75 -5.43
N ALA A 311 20.58 -19.06 -4.45
CA ALA A 311 20.09 -17.69 -4.65
C ALA A 311 21.25 -16.74 -4.97
N TYR A 312 22.35 -16.86 -4.23
CA TYR A 312 23.50 -16.01 -4.47
C TYR A 312 24.03 -16.24 -5.89
N SER A 313 24.15 -17.50 -6.25
CA SER A 313 24.65 -17.89 -7.56
C SER A 313 23.71 -17.46 -8.67
N GLU A 314 22.45 -17.87 -8.59
CA GLU A 314 21.48 -17.52 -9.62
C GLU A 314 21.24 -16.02 -9.78
N SER A 315 21.34 -15.26 -8.68
CA SER A 315 21.11 -13.82 -8.75
C SER A 315 22.19 -13.11 -9.55
N VAL A 316 23.42 -13.58 -9.43
CA VAL A 316 24.53 -12.97 -10.17
C VAL A 316 24.29 -13.15 -11.67
N LYS A 317 23.87 -14.34 -12.07
CA LYS A 317 23.59 -14.58 -13.49
C LYS A 317 22.50 -13.64 -13.99
N LEU A 318 21.41 -13.53 -13.23
CA LEU A 318 20.29 -12.67 -13.61
C LEU A 318 20.74 -11.20 -13.68
N LEU A 319 21.63 -10.79 -12.79
CA LEU A 319 22.12 -9.41 -12.83
C LEU A 319 22.96 -9.20 -14.10
N GLN A 320 23.73 -10.22 -14.47
CA GLN A 320 24.56 -10.14 -15.67
C GLN A 320 23.69 -10.08 -16.89
N LYS A 321 22.57 -10.80 -16.84
CA LYS A 321 21.61 -10.82 -17.91
C LYS A 321 21.05 -9.40 -18.06
N ILE A 322 20.73 -8.77 -16.93
CA ILE A 322 20.20 -7.41 -16.96
C ILE A 322 21.19 -6.42 -17.59
N LEU A 323 22.43 -6.43 -17.11
CA LEU A 323 23.45 -5.54 -17.65
C LEU A 323 23.67 -5.75 -19.15
N GLU A 324 23.67 -7.02 -19.56
CA GLU A 324 23.89 -7.36 -20.95
C GLU A 324 22.77 -6.83 -21.85
N GLU A 325 21.53 -7.05 -21.43
CA GLU A 325 20.37 -6.63 -22.22
C GLU A 325 19.94 -5.17 -22.07
N ASP A 326 20.45 -4.49 -21.06
CA ASP A 326 20.09 -3.08 -20.84
C ASP A 326 21.37 -2.29 -20.57
N GLU A 327 21.66 -1.32 -21.42
CA GLU A 327 22.87 -0.51 -21.30
C GLU A 327 22.88 0.58 -20.25
N ARG A 328 21.70 1.03 -19.81
CA ARG A 328 21.65 2.08 -18.80
C ARG A 328 22.35 1.66 -17.51
N LYS A 329 22.73 2.65 -16.71
CA LYS A 329 23.39 2.39 -15.44
C LYS A 329 22.28 2.01 -14.46
N ILE A 330 22.65 1.35 -13.36
CA ILE A 330 21.69 0.94 -12.36
C ILE A 330 21.73 1.84 -11.13
N ARG A 331 20.56 2.20 -10.62
CA ARG A 331 20.46 3.07 -9.45
C ARG A 331 20.08 2.26 -8.19
N ARG A 332 19.04 1.44 -8.31
CA ARG A 332 18.59 0.61 -7.20
C ARG A 332 18.64 -0.86 -7.63
N ILE A 333 19.06 -1.73 -6.73
CA ILE A 333 19.16 -3.15 -7.04
C ILE A 333 18.56 -3.98 -5.91
N GLY A 334 17.97 -5.11 -6.28
CA GLY A 334 17.35 -5.97 -5.27
C GLY A 334 16.83 -7.29 -5.81
N VAL A 335 16.17 -8.03 -4.93
CA VAL A 335 15.64 -9.34 -5.26
C VAL A 335 14.26 -9.57 -4.68
N ARG A 336 13.55 -10.55 -5.25
CA ARG A 336 12.25 -10.94 -4.76
C ARG A 336 12.08 -12.44 -4.90
N PHE A 337 11.64 -13.09 -3.83
CA PHE A 337 11.43 -14.53 -3.81
C PHE A 337 9.94 -14.84 -3.76
N SER A 338 9.52 -15.80 -4.58
CA SER A 338 8.11 -16.18 -4.60
C SER A 338 7.95 -17.68 -4.86
N LYS A 339 6.69 -18.08 -5.08
CA LYS A 339 6.33 -19.48 -5.32
C LYS A 339 6.81 -20.37 -4.18
N PHE A 340 6.34 -20.04 -2.99
CA PHE A 340 6.69 -20.78 -1.78
C PHE A 340 6.13 -22.19 -1.80
N ILE A 341 6.94 -23.14 -1.32
CA ILE A 341 6.53 -24.53 -1.25
C ILE A 341 5.40 -24.64 -0.23
C HN1 B 4 3.26 3.41 -2.26
P HN1 B 4 15.36 2.58 -0.41
C1 HN1 B 4 4.34 3.73 -3.15
N1 HN1 B 4 5.75 3.30 -2.78
C2 HN1 B 4 5.97 2.65 -1.56
N2 HN1 B 4 4.98 2.40 -0.73
C3 HN1 B 4 3.61 2.90 -0.83
N3 HN1 B 4 7.16 2.22 -1.12
C4 HN1 B 4 8.20 2.47 -1.97
C5 HN1 B 4 8.16 3.10 -3.20
C6 HN1 B 4 6.86 3.57 -3.68
O6 HN1 B 4 6.67 4.16 -4.75
C7 HN1 B 4 2.66 1.75 -0.34
N7 HN1 B 4 9.45 3.14 -3.75
C8 HN1 B 4 10.20 2.55 -2.84
C9 HN1 B 4 1.27 2.29 0.07
N9 HN1 B 4 9.50 2.12 -1.74
C1' HN1 B 4 10.01 1.42 -0.55
C10 HN1 B 4 0.49 1.44 1.10
O10 HN1 B 4 3.27 1.10 0.82
C11 HN1 B 4 0.09 0.03 0.57
O11 HN1 B 4 4.30 5.13 -3.37
C12 HN1 B 4 -1.42 -0.22 0.63
C13 HN1 B 4 -1.86 -1.47 -0.13
OP1 HN1 B 4 16.21 2.27 0.77
C2' HN1 B 4 10.43 -0.02 -0.80
C3' HN1 B 4 11.74 -0.15 -0.04
O3' HN1 B 4 11.77 -1.22 0.90
C4' HN1 B 4 11.90 1.18 0.68
O4' HN1 B 4 11.16 2.11 -0.12
C5' HN1 B 4 13.32 1.64 0.88
O5' HN1 B 4 14.03 1.69 -0.35
OP2 HN1 B 4 15.92 2.46 -1.79
PG DGT D . -3.85 9.15 6.68
O1G DGT D . -5.00 9.07 5.77
O2G DGT D . -4.11 8.16 7.86
O3G DGT D . -3.72 10.54 7.47
O3B DGT D . -2.51 8.78 5.94
PB DGT D . -1.44 7.66 6.22
O1B DGT D . -0.05 8.06 6.12
O2B DGT D . -1.76 6.89 7.46
O3A DGT D . -2.18 6.69 5.17
PA DGT D . -1.80 6.01 3.89
O1A DGT D . -0.38 6.08 3.46
O2A DGT D . -2.81 5.15 3.28
O5' DGT D . -1.38 4.73 4.91
C5' DGT D . -0.20 4.12 4.50
C4' DGT D . 0.99 3.76 5.43
O4' DGT D . 1.68 3.35 4.18
C3' DGT D . 1.47 5.10 5.97
O3' DGT D . 2.12 5.04 7.23
C2' DGT D . 2.31 5.52 4.86
C1' DGT D . 2.82 4.21 4.20
N9 DGT D . 3.34 4.82 3.01
C8 DGT D . 2.47 5.51 2.14
N7 DGT D . 3.00 6.05 1.11
C5 DGT D . 4.33 5.71 1.23
C6 DGT D . 5.40 6.06 0.38
O6 DGT D . 5.34 6.72 -0.66
N1 DGT D . 6.63 5.52 0.84
C2 DGT D . 6.80 4.77 2.00
N2 DGT D . 8.05 4.36 2.25
N3 DGT D . 5.78 4.46 2.82
C4 DGT D . 4.58 4.95 2.40
CA CA E . -3.96 5.42 6.79
CA CA F . -4.39 3.12 4.35
CA CA G . -7.06 7.78 -7.58
#